data_5IZ4
#
_entry.id   5IZ4
#
_cell.length_a   84.610
_cell.length_b   84.610
_cell.length_c   135.250
_cell.angle_alpha   90.000
_cell.angle_beta   90.000
_cell.angle_gamma   90.000
#
_symmetry.space_group_name_H-M   'I 4 2 2'
#
loop_
_entity.id
_entity.type
_entity.pdbx_description
1 polymer 'Putative short-chain dehydrogenase/reductase'
2 non-polymer "ADENOSINE-5'-DIPHOSPHATE"
3 non-polymer (4R)-2-METHYLPENTANE-2,4-DIOL
4 water water
#
_entity_poly.entity_id   1
_entity_poly.type   'polypeptide(L)'
_entity_poly.pdbx_seq_one_letter_code
;MAHHHHHHMTQSSTPVCVITGSASGIGAATALRFAQAGWSVAIGNFDDSTRDAASTVEALCRDAGAQTLIFDADVGKDAD
CRHAVDMVASRWQRIDALINCAGTTRVIPHNAFDQIDDFEFERVYRVNLIGLYQMTRAAVPLLRESASATRSTSVVNVSS
LAGLNGTGSSIAYAASKGAVNTLTLSLARNLAPHIRVNALAPGMVDDGLLLRVLDAAAYDGVLSRMTESAPLKRVSRPAE
IAELAWFLTAHAPAITGQVIAAENGLLLGGA
;
_entity_poly.pdbx_strand_id   A
#
# COMPACT_ATOMS: atom_id res chain seq x y z
N GLN A 11 -7.32 -10.80 22.76
CA GLN A 11 -7.23 -10.37 21.37
C GLN A 11 -8.21 -11.14 20.49
N SER A 12 -8.45 -10.61 19.29
CA SER A 12 -9.37 -11.26 18.36
C SER A 12 -8.78 -12.56 17.85
N SER A 13 -9.66 -13.53 17.60
CA SER A 13 -9.27 -14.81 17.03
C SER A 13 -9.25 -14.78 15.50
N THR A 14 -9.58 -13.66 14.88
CA THR A 14 -9.53 -13.48 13.44
C THR A 14 -8.38 -12.56 13.08
N PRO A 15 -7.57 -12.88 12.06
CA PRO A 15 -6.44 -12.01 11.71
C PRO A 15 -6.91 -10.65 11.20
N VAL A 16 -6.03 -9.65 11.35
CA VAL A 16 -6.36 -8.26 11.07
C VAL A 16 -5.41 -7.72 10.00
N CYS A 17 -5.98 -7.04 9.00
CA CYS A 17 -5.20 -6.31 8.01
C CYS A 17 -5.50 -4.82 8.13
N VAL A 18 -4.43 -4.01 8.18
CA VAL A 18 -4.53 -2.54 8.18
C VAL A 18 -4.13 -2.05 6.80
N ILE A 19 -4.99 -1.22 6.19
CA ILE A 19 -4.75 -0.73 4.83
C ILE A 19 -4.79 0.79 4.84
N THR A 20 -3.65 1.44 4.53
CA THR A 20 -3.75 2.88 4.29
C THR A 20 -4.07 3.12 2.82
N GLY A 21 -4.50 4.35 2.52
CA GLY A 21 -4.95 4.61 1.16
C GLY A 21 -6.13 3.76 0.77
N SER A 22 -6.98 3.41 1.74
CA SER A 22 -8.01 2.40 1.53
C SER A 22 -9.29 2.94 0.94
N ALA A 23 -9.38 4.26 0.72
CA ALA A 23 -10.61 4.84 0.20
C ALA A 23 -10.83 4.58 -1.28
N SER A 24 -9.79 4.19 -2.02
CA SER A 24 -9.91 4.10 -3.47
C SER A 24 -8.76 3.25 -4.01
N GLY A 25 -8.85 2.99 -5.31
CA GLY A 25 -7.75 2.37 -6.04
C GLY A 25 -7.29 1.06 -5.43
N ILE A 26 -5.96 0.90 -5.37
CA ILE A 26 -5.36 -0.36 -4.93
C ILE A 26 -5.73 -0.66 -3.48
N GLY A 27 -5.69 0.36 -2.62
CA GLY A 27 -6.03 0.13 -1.22
C GLY A 27 -7.46 -0.36 -1.04
N ALA A 28 -8.40 0.28 -1.75
CA ALA A 28 -9.79 -0.17 -1.68
C ALA A 28 -9.93 -1.62 -2.15
N ALA A 29 -9.28 -1.95 -3.26
CA ALA A 29 -9.33 -3.33 -3.76
C ALA A 29 -8.68 -4.30 -2.78
N THR A 30 -7.64 -3.85 -2.08
CA THR A 30 -6.95 -4.73 -1.14
C THR A 30 -7.76 -4.97 0.12
N ALA A 31 -8.41 -3.93 0.64
CA ALA A 31 -9.32 -4.14 1.75
C ALA A 31 -10.37 -5.19 1.39
N LEU A 32 -10.93 -5.08 0.19
CA LEU A 32 -11.96 -6.03 -0.22
C LEU A 32 -11.40 -7.45 -0.31
N ARG A 33 -10.20 -7.61 -0.86
CA ARG A 33 -9.64 -8.96 -1.01
C ARG A 33 -9.37 -9.59 0.34
N PHE A 34 -8.85 -8.83 1.30
CA PHE A 34 -8.68 -9.38 2.64
C PHE A 34 -10.02 -9.68 3.28
N ALA A 35 -11.03 -8.83 3.05
CA ALA A 35 -12.37 -9.12 3.55
C ALA A 35 -12.91 -10.43 2.99
N GLN A 36 -12.68 -10.68 1.69
CA GLN A 36 -13.12 -11.93 1.08
CA GLN A 36 -13.13 -11.93 1.08
C GLN A 36 -12.42 -13.15 1.67
N ALA A 37 -11.23 -12.95 2.23
CA ALA A 37 -10.48 -14.03 2.87
C ALA A 37 -10.92 -14.27 4.31
N GLY A 38 -11.87 -13.49 4.82
CA GLY A 38 -12.31 -13.65 6.18
C GLY A 38 -11.59 -12.80 7.20
N TRP A 39 -10.60 -12.01 6.78
CA TRP A 39 -9.88 -11.15 7.72
C TRP A 39 -10.73 -9.95 8.13
N SER A 40 -10.44 -9.46 9.33
CA SER A 40 -10.93 -8.15 9.74
C SER A 40 -10.06 -7.08 9.11
N VAL A 41 -10.67 -5.99 8.65
CA VAL A 41 -9.94 -4.97 7.91
C VAL A 41 -10.09 -3.63 8.61
N ALA A 42 -8.96 -2.95 8.83
CA ALA A 42 -8.94 -1.58 9.30
C ALA A 42 -8.74 -0.69 8.08
N ILE A 43 -9.79 0.04 7.73
CA ILE A 43 -9.86 0.77 6.46
C ILE A 43 -9.33 2.18 6.70
N GLY A 44 -8.17 2.46 6.14
CA GLY A 44 -7.56 3.77 6.35
C GLY A 44 -8.07 4.82 5.39
N ASN A 45 -8.84 5.75 5.91
CA ASN A 45 -9.35 6.87 5.15
C ASN A 45 -8.42 8.07 5.32
N PHE A 46 -8.32 8.88 4.27
CA PHE A 46 -7.47 10.09 4.33
C PHE A 46 -8.15 11.19 5.13
N ASP A 47 -9.18 11.84 4.56
CA ASP A 47 -9.79 13.00 5.21
C ASP A 47 -11.25 13.09 4.80
N ASP A 48 -11.88 14.25 5.04
CA ASP A 48 -13.31 14.36 4.72
C ASP A 48 -13.57 14.18 3.24
N SER A 49 -12.62 14.58 2.37
CA SER A 49 -12.86 14.49 0.94
C SER A 49 -12.92 13.05 0.44
N THR A 50 -12.32 12.10 1.15
CA THR A 50 -12.32 10.70 0.74
C THR A 50 -13.28 9.83 1.56
N ARG A 51 -13.98 10.41 2.54
CA ARG A 51 -14.71 9.60 3.50
C ARG A 51 -15.88 8.85 2.86
N ASP A 52 -16.59 9.48 1.93
CA ASP A 52 -17.71 8.79 1.29
C ASP A 52 -17.24 7.54 0.55
N ALA A 53 -16.12 7.66 -0.18
CA ALA A 53 -15.56 6.49 -0.85
C ALA A 53 -15.17 5.42 0.17
N ALA A 54 -14.54 5.82 1.28
CA ALA A 54 -14.15 4.87 2.31
C ALA A 54 -15.36 4.13 2.87
N SER A 55 -16.47 4.84 3.05
CA SER A 55 -17.68 4.22 3.61
C SER A 55 -18.25 3.19 2.65
N THR A 56 -18.15 3.45 1.33
CA THR A 56 -18.57 2.45 0.35
C THR A 56 -17.66 1.23 0.40
N VAL A 57 -16.34 1.45 0.51
CA VAL A 57 -15.40 0.33 0.68
C VAL A 57 -15.77 -0.49 1.91
N GLU A 58 -16.09 0.19 3.02
CA GLU A 58 -16.46 -0.54 4.22
C GLU A 58 -17.72 -1.37 4.01
N ALA A 59 -18.72 -0.79 3.33
CA ALA A 59 -19.96 -1.51 3.09
C ALA A 59 -19.69 -2.77 2.27
N LEU A 60 -18.82 -2.67 1.28
CA LEU A 60 -18.49 -3.83 0.45
C LEU A 60 -17.74 -4.89 1.24
N CYS A 61 -16.82 -4.47 2.12
CA CYS A 61 -16.09 -5.42 2.95
C CYS A 61 -17.00 -6.14 3.92
N ARG A 62 -17.97 -5.42 4.49
CA ARG A 62 -18.93 -6.05 5.39
C ARG A 62 -19.82 -7.02 4.63
N ASP A 63 -20.20 -6.66 3.40
CA ASP A 63 -20.98 -7.57 2.56
C ASP A 63 -20.19 -8.83 2.25
N ALA A 64 -18.87 -8.70 2.11
CA ALA A 64 -17.97 -9.83 1.94
C ALA A 64 -17.82 -10.64 3.21
N GLY A 65 -18.35 -10.15 4.34
CA GLY A 65 -18.37 -10.90 5.57
C GLY A 65 -17.36 -10.49 6.62
N ALA A 66 -16.62 -9.40 6.41
CA ALA A 66 -15.54 -8.99 7.30
C ALA A 66 -16.01 -8.03 8.38
N GLN A 67 -15.48 -8.20 9.58
CA GLN A 67 -15.51 -7.12 10.56
C GLN A 67 -14.65 -5.96 10.06
N THR A 68 -15.10 -4.74 10.36
CA THR A 68 -14.46 -3.55 9.80
C THR A 68 -14.32 -2.47 10.86
N LEU A 69 -13.41 -1.55 10.59
CA LEU A 69 -13.40 -0.24 11.24
C LEU A 69 -12.77 0.73 10.26
N ILE A 70 -13.17 2.00 10.31
CA ILE A 70 -12.57 3.03 9.49
C ILE A 70 -11.77 3.94 10.41
N PHE A 71 -10.54 4.25 10.02
CA PHE A 71 -9.77 5.26 10.73
C PHE A 71 -9.36 6.36 9.76
N ASP A 72 -9.32 7.59 10.27
CA ASP A 72 -8.71 8.69 9.53
C ASP A 72 -7.24 8.78 9.91
N ALA A 73 -6.39 9.02 8.91
CA ALA A 73 -4.98 9.32 9.19
C ALA A 73 -4.34 10.00 7.98
N ASP A 74 -3.67 11.10 8.23
CA ASP A 74 -2.73 11.69 7.28
C ASP A 74 -1.40 11.04 7.65
N VAL A 75 -0.94 10.08 6.85
CA VAL A 75 0.21 9.29 7.27
C VAL A 75 1.48 10.13 7.37
N GLY A 76 1.52 11.30 6.74
CA GLY A 76 2.66 12.19 6.91
C GLY A 76 2.80 12.72 8.33
N LYS A 77 1.75 12.62 9.14
CA LYS A 77 1.80 13.06 10.52
C LYS A 77 1.99 11.84 11.41
N ASP A 78 3.10 11.81 12.13
CA ASP A 78 3.40 10.62 12.93
C ASP A 78 2.30 10.35 13.95
N ALA A 79 1.73 11.40 14.54
CA ALA A 79 0.69 11.20 15.55
C ALA A 79 -0.53 10.53 14.95
N ASP A 80 -0.84 10.83 13.68
CA ASP A 80 -1.98 10.19 13.02
C ASP A 80 -1.74 8.70 12.86
N CYS A 81 -0.50 8.31 12.55
CA CYS A 81 -0.17 6.90 12.43
C CYS A 81 -0.30 6.19 13.77
N ARG A 82 0.21 6.81 14.83
CA ARG A 82 0.11 6.20 16.16
C ARG A 82 -1.33 6.08 16.62
N HIS A 83 -2.13 7.13 16.43
CA HIS A 83 -3.54 7.07 16.81
CA HIS A 83 -3.54 7.07 16.81
C HIS A 83 -4.27 5.97 16.05
N ALA A 84 -3.97 5.83 14.76
CA ALA A 84 -4.62 4.80 13.95
C ALA A 84 -4.33 3.40 14.51
N VAL A 85 -3.06 3.13 14.82
CA VAL A 85 -2.71 1.83 15.38
C VAL A 85 -3.35 1.65 16.75
N ASP A 86 -3.43 2.73 17.54
CA ASP A 86 -4.12 2.62 18.83
C ASP A 86 -5.58 2.22 18.65
N MET A 87 -6.25 2.77 17.63
CA MET A 87 -7.64 2.41 17.39
CA MET A 87 -7.63 2.42 17.37
C MET A 87 -7.78 0.95 17.03
N VAL A 88 -6.88 0.44 16.17
CA VAL A 88 -6.90 -0.96 15.80
C VAL A 88 -6.57 -1.85 16.99
N ALA A 89 -5.57 -1.45 17.79
CA ALA A 89 -5.22 -2.22 18.97
C ALA A 89 -6.40 -2.33 19.94
N SER A 90 -7.12 -1.22 20.15
CA SER A 90 -8.23 -1.24 21.10
C SER A 90 -9.34 -2.17 20.63
N ARG A 91 -9.57 -2.26 19.32
CA ARG A 91 -10.67 -3.06 18.80
CA ARG A 91 -10.67 -3.06 18.80
C ARG A 91 -10.33 -4.55 18.77
N TRP A 92 -9.16 -4.91 18.22
CA TRP A 92 -8.82 -6.31 18.01
C TRP A 92 -7.54 -6.78 18.68
N GLN A 93 -6.70 -5.87 19.19
CA GLN A 93 -5.47 -6.24 19.89
C GLN A 93 -4.52 -7.09 19.04
N ARG A 94 -4.56 -6.95 17.72
CA ARG A 94 -3.60 -7.61 16.86
C ARG A 94 -3.53 -6.88 15.52
N ILE A 95 -2.40 -7.05 14.86
CA ILE A 95 -2.20 -6.64 13.46
C ILE A 95 -1.41 -7.74 12.79
N ASP A 96 -1.97 -8.34 11.75
CA ASP A 96 -1.30 -9.43 11.06
C ASP A 96 -0.71 -9.01 9.72
N ALA A 97 -1.17 -7.89 9.15
CA ALA A 97 -0.64 -7.39 7.90
C ALA A 97 -0.90 -5.89 7.83
N LEU A 98 0.05 -5.15 7.25
CA LEU A 98 -0.10 -3.72 6.97
C LEU A 98 0.18 -3.55 5.49
N ILE A 99 -0.77 -2.95 4.77
CA ILE A 99 -0.62 -2.67 3.34
C ILE A 99 -0.57 -1.15 3.18
N ASN A 100 0.61 -0.62 2.87
CA ASN A 100 0.83 0.82 2.75
C ASN A 100 0.47 1.27 1.34
N CYS A 101 -0.78 1.69 1.14
CA CYS A 101 -1.24 2.17 -0.15
C CYS A 101 -1.43 3.68 -0.19
N ALA A 102 -1.31 4.37 0.93
CA ALA A 102 -1.42 5.82 0.92
C ALA A 102 -0.30 6.40 0.05
N GLY A 103 -0.66 7.34 -0.82
CA GLY A 103 0.37 7.96 -1.65
C GLY A 103 -0.20 9.15 -2.39
N THR A 104 0.71 9.92 -2.99
CA THR A 104 0.28 11.09 -3.74
C THR A 104 1.27 11.34 -4.87
N THR A 105 0.81 12.13 -5.84
CA THR A 105 1.67 12.59 -6.93
C THR A 105 1.01 13.78 -7.59
N ARG A 106 1.68 14.31 -8.60
CA ARG A 106 1.12 15.28 -9.52
C ARG A 106 1.87 15.13 -10.83
N VAL A 107 1.14 15.09 -11.94
CA VAL A 107 1.78 14.90 -13.24
C VAL A 107 2.56 16.15 -13.61
N ILE A 108 3.86 15.99 -13.79
CA ILE A 108 4.77 17.04 -14.27
C ILE A 108 5.76 16.37 -15.21
N PRO A 109 5.85 16.79 -16.48
CA PRO A 109 6.82 16.14 -17.39
C PRO A 109 8.23 16.18 -16.83
N HIS A 110 8.94 15.05 -16.98
CA HIS A 110 10.27 14.93 -16.40
C HIS A 110 11.28 15.87 -17.04
N ASN A 111 11.00 16.34 -18.26
CA ASN A 111 11.88 17.28 -18.95
C ASN A 111 11.46 18.74 -18.75
N ALA A 112 10.37 18.99 -18.03
CA ALA A 112 9.98 20.36 -17.69
C ALA A 112 10.62 20.74 -16.35
N PHE A 113 11.95 20.93 -16.40
CA PHE A 113 12.71 21.18 -15.18
C PHE A 113 12.21 22.38 -14.42
N ASP A 114 11.69 23.39 -15.13
CA ASP A 114 11.21 24.67 -14.65
CA ASP A 114 11.30 24.61 -14.43
C ASP A 114 9.83 24.59 -14.00
N GLN A 115 9.19 23.42 -14.01
CA GLN A 115 7.82 23.27 -13.53
C GLN A 115 7.71 22.34 -12.33
N ILE A 116 8.82 22.00 -11.69
CA ILE A 116 8.80 21.28 -10.43
C ILE A 116 9.71 22.04 -9.47
N ASP A 117 9.47 21.90 -8.17
CA ASP A 117 10.30 22.59 -7.18
C ASP A 117 10.49 21.73 -5.95
N ASP A 118 11.32 22.22 -5.03
CA ASP A 118 11.59 21.48 -3.80
C ASP A 118 10.31 21.22 -3.02
N PHE A 119 9.36 22.17 -3.03
CA PHE A 119 8.08 21.97 -2.36
C PHE A 119 7.42 20.66 -2.79
N GLU A 120 7.42 20.39 -4.10
CA GLU A 120 6.75 19.21 -4.60
C GLU A 120 7.54 17.94 -4.29
N PHE A 121 8.87 18.01 -4.35
CA PHE A 121 9.67 16.86 -3.95
C PHE A 121 9.34 16.48 -2.51
N GLU A 122 9.27 17.48 -1.63
CA GLU A 122 8.96 17.19 -0.23
C GLU A 122 7.50 16.75 -0.06
N ARG A 123 6.57 17.35 -0.81
CA ARG A 123 5.16 17.00 -0.65
C ARG A 123 4.93 15.53 -0.97
N VAL A 124 5.55 15.06 -2.04
CA VAL A 124 5.38 13.66 -2.45
CA VAL A 124 5.35 13.66 -2.41
C VAL A 124 6.13 12.74 -1.50
N TYR A 125 7.34 13.13 -1.08
CA TYR A 125 8.14 12.28 -0.20
C TYR A 125 7.48 12.13 1.16
N ARG A 126 6.77 13.18 1.60
CA ARG A 126 6.15 13.16 2.91
C ARG A 126 5.11 12.05 3.01
N VAL A 127 4.34 11.83 1.94
CA VAL A 127 3.34 10.76 1.96
C VAL A 127 3.97 9.43 1.58
N ASN A 128 4.74 9.41 0.49
CA ASN A 128 5.10 8.15 -0.12
C ASN A 128 6.20 7.44 0.67
N LEU A 129 7.08 8.19 1.32
CA LEU A 129 8.22 7.58 1.99
C LEU A 129 8.14 7.80 3.49
N ILE A 130 8.14 9.05 3.96
CA ILE A 130 8.08 9.29 5.40
C ILE A 130 6.79 8.71 5.98
N GLY A 131 5.66 8.98 5.33
CA GLY A 131 4.39 8.49 5.83
C GLY A 131 4.34 6.97 5.85
N LEU A 132 4.91 6.34 4.82
CA LEU A 132 4.94 4.88 4.77
C LEU A 132 5.80 4.32 5.89
N TYR A 133 6.96 4.94 6.13
CA TYR A 133 7.81 4.53 7.26
C TYR A 133 7.09 4.73 8.60
N GLN A 134 6.44 5.88 8.78
CA GLN A 134 5.82 6.18 10.06
C GLN A 134 4.68 5.20 10.37
N MET A 135 3.92 4.83 9.35
CA MET A 135 2.84 3.87 9.54
C MET A 135 3.41 2.50 9.90
N THR A 136 4.43 2.08 9.16
CA THR A 136 5.07 0.79 9.44
C THR A 136 5.64 0.75 10.85
N ARG A 137 6.39 1.80 11.23
CA ARG A 137 6.95 1.88 12.57
C ARG A 137 5.87 1.80 13.63
N ALA A 138 4.75 2.50 13.43
CA ALA A 138 3.68 2.49 14.43
C ALA A 138 3.10 1.10 14.62
N ALA A 139 3.04 0.31 13.55
CA ALA A 139 2.46 -1.03 13.55
C ALA A 139 3.43 -2.12 13.99
N VAL A 140 4.74 -1.83 14.01
CA VAL A 140 5.73 -2.89 14.26
C VAL A 140 5.51 -3.61 15.58
N PRO A 141 5.27 -2.96 16.71
CA PRO A 141 5.07 -3.73 17.96
C PRO A 141 3.96 -4.77 17.85
N LEU A 142 2.80 -4.39 17.32
CA LEU A 142 1.72 -5.37 17.17
C LEU A 142 2.02 -6.40 16.09
N LEU A 143 2.66 -5.98 14.99
CA LEU A 143 3.04 -6.94 13.96
C LEU A 143 3.96 -8.01 14.51
N ARG A 144 4.94 -7.61 15.33
CA ARG A 144 5.86 -8.59 15.89
C ARG A 144 5.16 -9.48 16.90
N GLU A 145 4.27 -8.91 17.72
CA GLU A 145 3.56 -9.71 18.70
C GLU A 145 2.58 -10.68 18.05
N SER A 146 2.05 -10.33 16.89
CA SER A 146 1.08 -11.20 16.24
C SER A 146 1.72 -12.33 15.45
N ALA A 147 3.03 -12.26 15.19
CA ALA A 147 3.74 -13.38 14.60
C ALA A 147 3.73 -14.56 15.55
N SER A 148 3.73 -15.77 15.01
CA SER A 148 3.69 -16.97 15.83
C SER A 148 5.04 -17.68 15.76
N ALA A 149 5.13 -18.81 16.46
CA ALA A 149 6.35 -19.60 16.42
C ALA A 149 6.64 -20.11 15.02
N THR A 150 5.63 -20.19 14.17
CA THR A 150 5.77 -20.78 12.85
C THR A 150 5.49 -19.82 11.71
N ARG A 151 4.87 -18.67 11.96
CA ARG A 151 4.36 -17.83 10.88
CA ARG A 151 4.36 -17.83 10.88
C ARG A 151 4.68 -16.37 11.15
N SER A 152 5.31 -15.71 10.19
CA SER A 152 5.64 -14.29 10.26
C SER A 152 4.48 -13.45 9.75
N THR A 153 4.41 -12.21 10.22
CA THR A 153 3.44 -11.27 9.71
C THR A 153 4.01 -10.53 8.51
N SER A 154 3.23 -9.61 7.94
CA SER A 154 3.51 -9.13 6.59
C SER A 154 3.30 -7.63 6.46
N VAL A 155 4.29 -6.93 5.90
CA VAL A 155 4.15 -5.54 5.46
C VAL A 155 4.29 -5.51 3.94
N VAL A 156 3.33 -4.89 3.25
CA VAL A 156 3.38 -4.76 1.80
C VAL A 156 3.34 -3.28 1.45
N ASN A 157 4.38 -2.81 0.77
CA ASN A 157 4.51 -1.42 0.36
C ASN A 157 4.15 -1.29 -1.11
N VAL A 158 3.22 -0.40 -1.42
CA VAL A 158 2.85 -0.19 -2.83
C VAL A 158 3.82 0.84 -3.38
N SER A 159 4.81 0.37 -4.14
CA SER A 159 5.72 1.26 -4.81
C SER A 159 5.21 1.50 -6.23
N SER A 160 6.11 1.52 -7.22
CA SER A 160 5.70 1.78 -8.60
C SER A 160 6.83 1.37 -9.54
N LEU A 161 6.44 0.94 -10.75
CA LEU A 161 7.40 0.83 -11.84
C LEU A 161 8.28 2.08 -11.92
N ALA A 162 7.72 3.25 -11.62
CA ALA A 162 8.51 4.48 -11.68
C ALA A 162 9.73 4.42 -10.78
N GLY A 163 9.63 3.73 -9.63
CA GLY A 163 10.78 3.64 -8.75
C GLY A 163 11.88 2.79 -9.34
N LEU A 164 11.52 1.84 -10.20
CA LEU A 164 12.49 0.94 -10.81
C LEU A 164 13.25 1.61 -11.96
N ASN A 165 12.57 2.34 -12.83
CA ASN A 165 13.21 2.83 -14.06
C ASN A 165 13.14 4.34 -14.25
N GLY A 166 12.65 5.09 -13.25
CA GLY A 166 12.69 6.55 -13.33
C GLY A 166 11.67 7.19 -14.26
N THR A 167 10.59 6.48 -14.57
CA THR A 167 9.52 7.05 -15.39
C THR A 167 8.41 7.55 -14.47
N GLY A 168 7.16 7.54 -14.94
CA GLY A 168 6.06 7.84 -14.05
C GLY A 168 5.61 9.28 -14.08
N SER A 169 4.69 9.59 -13.17
CA SER A 169 3.95 10.85 -13.24
C SER A 169 4.86 12.07 -13.08
N SER A 170 5.91 11.97 -12.27
CA SER A 170 6.86 13.06 -12.13
C SER A 170 8.18 12.50 -11.62
N ILE A 171 9.24 13.30 -11.78
CA ILE A 171 10.54 12.87 -11.27
C ILE A 171 10.53 12.85 -9.74
N ALA A 172 9.73 13.72 -9.10
CA ALA A 172 9.62 13.66 -7.64
C ALA A 172 8.91 12.39 -7.20
N TYR A 173 7.90 11.95 -7.96
CA TYR A 173 7.24 10.69 -7.65
C TYR A 173 8.20 9.52 -7.84
N ALA A 174 8.91 9.51 -8.97
CA ALA A 174 9.84 8.40 -9.22
C ALA A 174 10.89 8.31 -8.11
N ALA A 175 11.47 9.46 -7.74
CA ALA A 175 12.47 9.47 -6.67
C ALA A 175 11.89 8.91 -5.39
N SER A 176 10.66 9.30 -5.04
CA SER A 176 10.09 8.85 -3.77
C SER A 176 9.88 7.34 -3.80
N LYS A 177 9.62 6.76 -4.97
CA LYS A 177 9.39 5.33 -5.05
C LYS A 177 10.69 4.55 -5.09
N GLY A 178 11.76 5.15 -5.64
CA GLY A 178 13.08 4.54 -5.46
C GLY A 178 13.45 4.46 -3.99
N ALA A 179 13.13 5.50 -3.23
CA ALA A 179 13.37 5.47 -1.79
C ALA A 179 12.54 4.38 -1.12
N VAL A 180 11.27 4.22 -1.55
CA VAL A 180 10.43 3.16 -0.97
C VAL A 180 11.08 1.80 -1.22
N ASN A 181 11.59 1.58 -2.42
CA ASN A 181 12.24 0.30 -2.74
C ASN A 181 13.41 0.03 -1.79
N THR A 182 14.28 1.02 -1.60
CA THR A 182 15.42 0.82 -0.69
C THR A 182 14.97 0.69 0.75
N LEU A 183 14.00 1.51 1.16
CA LEU A 183 13.49 1.44 2.53
C LEU A 183 12.94 0.04 2.81
N THR A 184 12.27 -0.55 1.83
CA THR A 184 11.77 -1.91 1.95
C THR A 184 12.90 -2.89 2.31
N LEU A 185 14.08 -2.71 1.71
CA LEU A 185 15.21 -3.59 2.01
C LEU A 185 15.66 -3.43 3.46
N SER A 186 15.79 -2.19 3.93
CA SER A 186 16.21 -2.00 5.31
C SER A 186 15.21 -2.60 6.27
N LEU A 187 13.92 -2.33 6.04
CA LEU A 187 12.88 -2.83 6.93
C LEU A 187 12.86 -4.35 6.93
N ALA A 188 12.98 -4.98 5.75
CA ALA A 188 13.02 -6.43 5.69
C ALA A 188 14.20 -6.97 6.49
N ARG A 189 15.38 -6.37 6.32
CA ARG A 189 16.56 -6.88 7.01
C ARG A 189 16.40 -6.74 8.52
N ASN A 190 15.86 -5.62 8.97
CA ASN A 190 15.86 -5.34 10.41
C ASN A 190 14.63 -5.86 11.14
N LEU A 191 13.56 -6.23 10.44
CA LEU A 191 12.39 -6.79 11.10
C LEU A 191 12.33 -8.31 10.97
N ALA A 192 13.20 -8.91 10.16
CA ALA A 192 13.33 -10.36 10.18
C ALA A 192 13.68 -10.82 11.59
N PRO A 193 13.22 -12.00 12.02
CA PRO A 193 12.48 -12.99 11.23
C PRO A 193 10.96 -12.91 11.42
N HIS A 194 10.49 -12.03 12.31
CA HIS A 194 9.08 -12.04 12.71
C HIS A 194 8.17 -11.35 11.70
N ILE A 195 8.70 -10.40 10.93
CA ILE A 195 7.91 -9.63 9.97
C ILE A 195 8.62 -9.66 8.64
N ARG A 196 7.88 -9.98 7.58
CA ARG A 196 8.38 -9.89 6.20
C ARG A 196 7.94 -8.56 5.61
N VAL A 197 8.80 -7.95 4.80
CA VAL A 197 8.51 -6.65 4.19
C VAL A 197 8.83 -6.74 2.71
N ASN A 198 7.84 -6.43 1.87
CA ASN A 198 7.99 -6.50 0.43
C ASN A 198 7.33 -5.28 -0.19
N ALA A 199 7.71 -4.98 -1.43
CA ALA A 199 7.10 -3.88 -2.17
C ALA A 199 6.50 -4.42 -3.46
N LEU A 200 5.48 -3.72 -3.95
CA LEU A 200 4.87 -4.03 -5.24
C LEU A 200 5.14 -2.88 -6.20
N ALA A 201 5.44 -3.19 -7.47
CA ALA A 201 5.74 -2.16 -8.45
C ALA A 201 4.77 -2.30 -9.61
N PRO A 202 3.56 -1.77 -9.48
CA PRO A 202 2.60 -1.82 -10.59
C PRO A 202 3.05 -0.89 -11.72
N GLY A 203 2.65 -1.26 -12.93
CA GLY A 203 2.74 -0.38 -14.07
C GLY A 203 1.45 0.40 -14.23
N MET A 204 0.82 0.30 -15.40
CA MET A 204 -0.40 1.05 -15.68
C MET A 204 -1.58 0.40 -14.95
N VAL A 205 -2.33 1.20 -14.21
CA VAL A 205 -3.48 0.71 -13.46
C VAL A 205 -4.68 1.61 -13.79
N ASP A 206 -5.78 0.99 -14.20
CA ASP A 206 -7.00 1.74 -14.53
C ASP A 206 -7.97 1.64 -13.35
N ASP A 207 -8.19 2.77 -12.67
CA ASP A 207 -9.09 2.83 -11.52
CA ASP A 207 -9.09 2.81 -11.53
C ASP A 207 -10.56 2.94 -11.91
N GLY A 208 -10.87 3.00 -13.21
CA GLY A 208 -12.24 3.08 -13.68
C GLY A 208 -12.93 4.41 -13.43
N GLY A 221 -9.23 6.13 -25.50
CA GLY A 221 -7.99 6.71 -26.00
C GLY A 221 -6.85 6.53 -25.02
N VAL A 222 -7.01 7.09 -23.82
CA VAL A 222 -6.02 6.87 -22.77
C VAL A 222 -5.87 5.38 -22.49
N LEU A 223 -6.98 4.65 -22.45
CA LEU A 223 -6.91 3.20 -22.24
C LEU A 223 -6.23 2.53 -23.42
N SER A 224 -6.59 2.90 -24.65
CA SER A 224 -6.00 2.23 -25.80
C SER A 224 -4.53 2.60 -26.01
N ARG A 225 -4.08 3.73 -25.46
CA ARG A 225 -2.66 4.06 -25.56
C ARG A 225 -1.83 3.29 -24.55
N MET A 226 -2.36 3.09 -23.33
CA MET A 226 -1.66 2.27 -22.36
C MET A 226 -1.58 0.81 -22.81
N THR A 227 -2.66 0.29 -23.42
CA THR A 227 -2.69 -1.13 -23.76
C THR A 227 -1.71 -1.45 -24.89
N GLU A 228 -1.65 -0.59 -25.92
CA GLU A 228 -0.80 -0.91 -27.07
C GLU A 228 0.67 -0.89 -26.71
N SER A 229 1.09 -0.01 -25.80
CA SER A 229 2.52 0.08 -25.48
C SER A 229 3.00 -1.11 -24.65
N ALA A 230 2.09 -1.87 -24.05
CA ALA A 230 2.47 -2.97 -23.17
C ALA A 230 2.61 -4.26 -23.98
N PRO A 231 3.68 -5.02 -23.79
CA PRO A 231 3.75 -6.34 -24.43
C PRO A 231 2.57 -7.24 -24.15
N LEU A 232 1.99 -7.18 -22.95
CA LEU A 232 0.82 -8.01 -22.68
C LEU A 232 -0.48 -7.39 -23.19
N LYS A 233 -0.43 -6.21 -23.81
CA LYS A 233 -1.56 -5.63 -24.53
C LYS A 233 -2.78 -5.48 -23.62
N ARG A 234 -2.54 -4.95 -22.43
CA ARG A 234 -3.58 -4.77 -21.43
C ARG A 234 -3.07 -3.76 -20.40
N VAL A 235 -3.99 -3.30 -19.56
CA VAL A 235 -3.65 -2.57 -18.34
C VAL A 235 -4.12 -3.40 -17.15
N SER A 236 -3.58 -3.07 -15.98
CA SER A 236 -4.00 -3.75 -14.75
C SER A 236 -5.21 -3.06 -14.15
N ARG A 237 -6.03 -3.84 -13.46
CA ARG A 237 -7.06 -3.29 -12.61
C ARG A 237 -6.65 -3.43 -11.16
N PRO A 238 -7.17 -2.60 -10.25
CA PRO A 238 -6.67 -2.65 -8.87
C PRO A 238 -6.76 -4.03 -8.24
N ALA A 239 -7.78 -4.82 -8.56
CA ALA A 239 -7.95 -6.14 -7.96
C ALA A 239 -6.73 -7.03 -8.13
N GLU A 240 -6.01 -6.93 -9.26
CA GLU A 240 -4.82 -7.76 -9.48
CA GLU A 240 -4.88 -7.83 -9.39
C GLU A 240 -3.71 -7.41 -8.49
N ILE A 241 -3.57 -6.13 -8.16
CA ILE A 241 -2.53 -5.74 -7.22
C ILE A 241 -2.92 -6.19 -5.81
N ALA A 242 -4.22 -6.13 -5.50
CA ALA A 242 -4.73 -6.69 -4.25
C ALA A 242 -4.44 -8.19 -4.14
N GLU A 243 -4.63 -8.93 -5.25
CA GLU A 243 -4.30 -10.37 -5.22
C GLU A 243 -2.84 -10.59 -4.86
N LEU A 244 -1.95 -9.78 -5.44
CA LEU A 244 -0.53 -9.91 -5.13
C LEU A 244 -0.25 -9.58 -3.67
N ALA A 245 -0.88 -8.53 -3.13
CA ALA A 245 -0.67 -8.21 -1.72
C ALA A 245 -1.17 -9.33 -0.83
N TRP A 246 -2.33 -9.90 -1.17
CA TRP A 246 -2.87 -11.04 -0.42
C TRP A 246 -1.94 -12.25 -0.52
N PHE A 247 -1.46 -12.56 -1.73
CA PHE A 247 -0.59 -13.72 -1.90
C PHE A 247 0.67 -13.58 -1.06
N LEU A 248 1.34 -12.42 -1.17
CA LEU A 248 2.56 -12.20 -0.41
C LEU A 248 2.32 -12.35 1.09
N THR A 249 1.14 -11.95 1.56
CA THR A 249 0.86 -12.05 2.98
C THR A 249 0.56 -13.49 3.40
N ALA A 250 -0.29 -14.18 2.66
CA ALA A 250 -0.85 -15.43 3.16
C ALA A 250 -0.07 -16.66 2.72
N HIS A 251 0.69 -16.59 1.62
CA HIS A 251 1.19 -17.80 1.00
C HIS A 251 2.67 -17.72 0.63
N ALA A 252 3.41 -16.78 1.21
CA ALA A 252 4.81 -16.54 0.81
C ALA A 252 5.72 -16.42 2.02
N PRO A 253 5.82 -17.46 2.86
CA PRO A 253 6.65 -17.34 4.08
C PRO A 253 8.13 -17.19 3.81
N ALA A 254 8.62 -17.44 2.59
CA ALA A 254 10.03 -17.27 2.30
C ALA A 254 10.35 -15.94 1.62
N ILE A 255 9.37 -15.11 1.32
CA ILE A 255 9.60 -13.94 0.47
C ILE A 255 9.68 -12.71 1.37
N THR A 256 10.84 -12.05 1.34
CA THR A 256 11.01 -10.80 2.06
C THR A 256 12.08 -9.99 1.36
N GLY A 257 11.96 -8.66 1.44
CA GLY A 257 12.95 -7.80 0.81
C GLY A 257 12.89 -7.78 -0.70
N GLN A 258 11.75 -8.10 -1.29
CA GLN A 258 11.59 -8.13 -2.73
C GLN A 258 10.73 -6.97 -3.21
N VAL A 259 10.98 -6.56 -4.45
CA VAL A 259 10.12 -5.62 -5.18
C VAL A 259 9.57 -6.40 -6.35
N ILE A 260 8.28 -6.70 -6.34
CA ILE A 260 7.62 -7.52 -7.35
CA ILE A 260 7.65 -7.52 -7.36
C ILE A 260 6.98 -6.60 -8.38
N ALA A 261 7.43 -6.69 -9.63
CA ALA A 261 6.92 -5.83 -10.70
C ALA A 261 5.76 -6.53 -11.41
N ALA A 262 4.62 -5.86 -11.46
CA ALA A 262 3.42 -6.34 -12.15
C ALA A 262 3.03 -5.22 -13.09
N GLU A 263 3.61 -5.24 -14.29
CA GLU A 263 3.56 -4.06 -15.17
C GLU A 263 3.28 -4.43 -16.61
N ASN A 264 2.72 -5.61 -16.86
CA ASN A 264 2.24 -6.01 -18.18
C ASN A 264 3.36 -6.04 -19.21
N GLY A 265 4.58 -6.31 -18.77
CA GLY A 265 5.70 -6.46 -19.67
C GLY A 265 6.46 -5.19 -20.02
N LEU A 266 6.08 -4.03 -19.47
CA LEU A 266 6.71 -2.80 -19.90
C LEU A 266 8.23 -2.83 -19.71
N LEU A 267 8.72 -3.53 -18.70
CA LEU A 267 10.17 -3.62 -18.48
C LEU A 267 10.88 -4.34 -19.62
N LEU A 268 10.15 -5.15 -20.41
CA LEU A 268 10.76 -5.81 -21.56
C LEU A 268 10.95 -4.89 -22.74
N GLY A 269 10.35 -3.69 -22.72
CA GLY A 269 10.49 -2.75 -23.80
C GLY A 269 9.18 -2.49 -24.52
#